data_5CG1
#
_entry.id   5CG1
#
_cell.length_a   80.070
_cell.length_b   80.070
_cell.length_c   325.016
_cell.angle_alpha   90.000
_cell.angle_beta   90.000
_cell.angle_gamma   120.000
#
_symmetry.space_group_name_H-M   'P 61 2 2'
#
loop_
_entity.id
_entity.type
_entity.pdbx_description
1 polymer 'Enoyl-[acyl-carrier-protein] reductase [NADH] FabI'
2 non-polymer NICOTINAMIDE-ADENINE-DINUCLEOTIDE
3 non-polymer 1-hydroxy-2,3,1-benzodiazaborinine-2(1H)-carboxamide
4 water water
#
_entity_poly.entity_id   1
_entity_poly.type   'polypeptide(L)'
_entity_poly.pdbx_seq_one_letter_code
;MHHHHHHSSGLVPRGSGMKETAAAKFERQHMDSPDLGTDDDDKMGFLSGKRILVTGVASKLSIAYGIAQAMHREGAELAF
TYQNDKLKGRVEEFAAQLGSDIVLQCDVAEDASIDTMFAELGKVWPKFDGFVHSIGFAPGDQLDGDYVNAVTREGFKIAH
DISSYSFVAMAKACRSMLNPGSALLTLSYLGAERAIPNYNVMGLAKASLEANVRYMANAMGPEGVRVNAISAGPIRTLAA
SGIKDFRKMLAHCEAVTPIRRTVTIEDVGNSAAFLCSDLSAGISGEVVHVDGGFSIAAMNELELK
;
_entity_poly.pdbx_strand_id   A,B
#
loop_
_chem_comp.id
_chem_comp.type
_chem_comp.name
_chem_comp.formula
BBN non-polymer 1-hydroxy-2,3,1-benzodiazaborinine-2(1H)-carboxamide 'C8 H8 B N3 O2'
NAD non-polymer NICOTINAMIDE-ADENINE-DINUCLEOTIDE 'C21 H27 N7 O14 P2'
#
# COMPACT_ATOMS: atom_id res chain seq x y z
N GLY A 45 -29.92 12.49 17.70
CA GLY A 45 -28.85 11.56 18.17
C GLY A 45 -27.43 12.13 18.22
N PHE A 46 -26.44 11.22 18.23
CA PHE A 46 -25.06 11.59 18.56
C PHE A 46 -24.30 12.27 17.41
N LEU A 47 -24.93 12.33 16.23
CA LEU A 47 -24.42 13.20 15.15
C LEU A 47 -25.28 14.48 14.89
N SER A 48 -26.17 14.86 15.80
CA SER A 48 -26.87 16.16 15.60
C SER A 48 -25.91 17.29 15.48
N GLY A 49 -26.13 18.14 14.48
CA GLY A 49 -25.25 19.27 14.24
C GLY A 49 -24.14 19.01 13.25
N LYS A 50 -23.98 17.76 12.83
CA LYS A 50 -22.89 17.42 11.88
C LYS A 50 -23.39 17.37 10.43
N ARG A 51 -22.58 17.94 9.54
CA ARG A 51 -22.76 17.85 8.10
C ARG A 51 -21.73 16.92 7.46
N ILE A 52 -22.20 15.78 6.97
CA ILE A 52 -21.29 14.73 6.42
C ILE A 52 -21.60 14.38 4.96
N LEU A 53 -20.56 14.37 4.11
CA LEU A 53 -20.72 13.96 2.72
C LEU A 53 -20.54 12.44 2.57
N VAL A 54 -21.48 11.78 1.90
CA VAL A 54 -21.42 10.34 1.76
C VAL A 54 -21.24 9.98 0.27
N THR A 55 -20.09 9.42 -0.07
CA THR A 55 -19.85 8.92 -1.44
C THR A 55 -20.22 7.45 -1.53
N GLY A 56 -20.29 6.91 -2.76
CA GLY A 56 -20.32 5.46 -2.93
C GLY A 56 -21.65 4.76 -2.79
N VAL A 57 -22.77 5.51 -2.68
CA VAL A 57 -24.09 4.88 -2.70
C VAL A 57 -24.42 4.42 -4.15
N ALA A 58 -24.76 3.14 -4.31
CA ALA A 58 -25.00 2.55 -5.62
C ALA A 58 -26.28 1.74 -5.62
N SER A 59 -26.66 1.28 -4.43
CA SER A 59 -27.89 0.53 -4.23
C SER A 59 -28.19 0.49 -2.74
N LYS A 60 -29.34 -0.11 -2.39
CA LYS A 60 -29.72 -0.32 -1.00
C LYS A 60 -28.77 -1.30 -0.30
N LEU A 61 -27.95 -2.01 -1.09
CA LEU A 61 -26.97 -2.95 -0.51
C LEU A 61 -25.58 -2.34 -0.29
N SER A 62 -25.32 -1.17 -0.87
CA SER A 62 -24.06 -0.50 -0.64
C SER A 62 -23.76 -0.32 0.85
N ILE A 63 -22.51 -0.59 1.24
CA ILE A 63 -22.08 -0.26 2.57
C ILE A 63 -22.43 1.20 2.83
N ALA A 64 -22.15 2.08 1.85
CA ALA A 64 -22.40 3.52 2.01
C ALA A 64 -23.88 3.83 2.33
N TYR A 65 -24.76 2.97 1.85
CA TYR A 65 -26.15 3.13 2.13
C TYR A 65 -26.42 2.84 3.62
N GLY A 66 -25.98 1.70 4.13
CA GLY A 66 -26.12 1.40 5.57
C GLY A 66 -25.52 2.51 6.44
N ILE A 67 -24.42 3.07 6.00
CA ILE A 67 -23.76 4.14 6.71
C ILE A 67 -24.63 5.42 6.68
N ALA A 68 -25.16 5.78 5.49
CA ALA A 68 -25.99 6.98 5.40
C ALA A 68 -27.24 6.79 6.26
N GLN A 69 -27.86 5.60 6.25
CA GLN A 69 -29.05 5.38 7.06
C GLN A 69 -28.74 5.56 8.55
N ALA A 70 -27.61 5.00 8.99
CA ALA A 70 -27.24 5.04 10.40
C ALA A 70 -26.96 6.48 10.79
N MET A 71 -26.25 7.23 9.96
CA MET A 71 -25.96 8.61 10.30
C MET A 71 -27.20 9.51 10.32
N HIS A 72 -28.05 9.38 9.32
CA HIS A 72 -29.34 10.09 9.35
C HIS A 72 -30.15 9.70 10.60
N ARG A 73 -30.23 8.43 10.93
CA ARG A 73 -30.86 8.02 12.20
C ARG A 73 -30.27 8.80 13.41
N GLU A 74 -29.00 9.20 13.35
CA GLU A 74 -28.36 9.84 14.49
C GLU A 74 -28.32 11.38 14.38
N GLY A 75 -29.05 11.94 13.41
CA GLY A 75 -29.29 13.38 13.31
C GLY A 75 -28.35 14.16 12.41
N ALA A 76 -27.51 13.44 11.64
CA ALA A 76 -26.56 14.11 10.72
C ALA A 76 -27.39 14.71 9.59
N GLU A 77 -27.00 15.87 9.08
CA GLU A 77 -27.46 16.33 7.76
C GLU A 77 -26.52 15.72 6.70
N LEU A 78 -27.09 15.15 5.64
CA LEU A 78 -26.28 14.43 4.67
C LEU A 78 -26.24 15.09 3.31
N ALA A 79 -25.15 14.84 2.59
CA ALA A 79 -24.97 15.23 1.20
C ALA A 79 -24.49 13.97 0.49
N PHE A 80 -24.65 13.91 -0.83
CA PHE A 80 -24.38 12.66 -1.56
C PHE A 80 -23.68 12.97 -2.89
N THR A 81 -22.71 12.13 -3.25
CA THR A 81 -22.19 12.17 -4.58
C THR A 81 -22.71 10.98 -5.34
N TYR A 82 -22.65 11.05 -6.67
CA TYR A 82 -22.89 9.91 -7.52
C TYR A 82 -21.82 9.93 -8.63
N GLN A 83 -21.42 8.75 -9.11
CA GLN A 83 -20.26 8.69 -10.02
C GLN A 83 -20.60 9.19 -11.44
N ASN A 84 -21.76 8.78 -11.95
CA ASN A 84 -22.07 8.97 -13.39
C ASN A 84 -23.59 9.06 -13.62
N ASP A 85 -23.97 9.23 -14.88
CA ASP A 85 -25.37 9.39 -15.31
C ASP A 85 -26.24 8.22 -14.88
N LYS A 86 -25.65 7.02 -14.92
CA LYS A 86 -26.42 5.83 -14.61
C LYS A 86 -26.93 5.79 -13.17
N LEU A 87 -26.16 6.33 -12.25
CA LEU A 87 -26.50 6.28 -10.81
C LEU A 87 -27.22 7.53 -10.28
N LYS A 88 -27.26 8.59 -11.08
CA LYS A 88 -27.81 9.84 -10.57
C LYS A 88 -29.21 9.65 -9.98
N GLY A 89 -30.08 8.97 -10.70
CA GLY A 89 -31.48 8.84 -10.30
C GLY A 89 -31.63 8.07 -9.00
N ARG A 90 -30.91 6.95 -8.89
CA ARG A 90 -30.93 6.15 -7.66
C ARG A 90 -30.49 6.94 -6.44
N VAL A 91 -29.45 7.75 -6.60
CA VAL A 91 -28.87 8.50 -5.48
C VAL A 91 -29.81 9.66 -5.10
N GLU A 92 -30.50 10.26 -6.08
CA GLU A 92 -31.48 11.32 -5.75
C GLU A 92 -32.64 10.80 -4.89
N GLU A 93 -33.20 9.68 -5.27
CA GLU A 93 -34.27 9.04 -4.53
C GLU A 93 -33.82 8.67 -3.10
N PHE A 94 -32.66 8.00 -2.96
CA PHE A 94 -32.13 7.70 -1.62
C PHE A 94 -31.90 8.93 -0.81
N ALA A 95 -31.25 9.94 -1.38
CA ALA A 95 -31.06 11.21 -0.69
C ALA A 95 -32.38 11.85 -0.20
N ALA A 96 -33.41 11.83 -1.04
CA ALA A 96 -34.67 12.42 -0.66
C ALA A 96 -35.25 11.67 0.54
N GLN A 97 -35.22 10.33 0.50
CA GLN A 97 -35.72 9.50 1.61
C GLN A 97 -34.99 9.75 2.94
N LEU A 98 -33.81 10.35 2.87
CA LEU A 98 -33.01 10.60 4.05
C LEU A 98 -32.81 12.09 4.22
N GLY A 99 -33.80 12.85 3.79
CA GLY A 99 -33.90 14.26 4.08
C GLY A 99 -33.01 15.20 3.31
N SER A 100 -32.36 14.71 2.27
CA SER A 100 -31.36 15.52 1.63
C SER A 100 -31.69 15.84 0.17
N ASP A 101 -31.36 17.04 -0.25
CA ASP A 101 -31.36 17.30 -1.69
C ASP A 101 -30.01 17.85 -2.15
N ILE A 102 -28.92 17.40 -1.52
CA ILE A 102 -27.59 17.78 -2.02
C ILE A 102 -27.05 16.51 -2.66
N VAL A 103 -27.09 16.46 -3.98
CA VAL A 103 -26.75 15.24 -4.74
C VAL A 103 -25.85 15.73 -5.87
N LEU A 104 -24.57 15.39 -5.80
CA LEU A 104 -23.58 16.01 -6.65
C LEU A 104 -22.76 14.95 -7.41
N GLN A 105 -22.46 15.23 -8.68
CA GLN A 105 -21.64 14.33 -9.48
C GLN A 105 -20.16 14.42 -9.05
N CYS A 106 -19.51 13.26 -9.03
CA CYS A 106 -18.11 13.23 -8.72
C CYS A 106 -17.52 11.92 -9.21
N ASP A 107 -16.55 12.03 -10.10
CA ASP A 107 -15.75 10.90 -10.55
C ASP A 107 -14.34 11.14 -10.05
N VAL A 108 -13.93 10.37 -9.03
CA VAL A 108 -12.66 10.62 -8.33
C VAL A 108 -11.42 10.30 -9.17
N ALA A 109 -11.65 9.80 -10.39
CA ALA A 109 -10.58 9.59 -11.35
C ALA A 109 -10.06 10.92 -11.84
N GLU A 110 -10.84 11.99 -11.67
CA GLU A 110 -10.39 13.27 -12.18
C GLU A 110 -10.44 14.44 -11.20
N ASP A 111 -9.31 15.11 -11.12
CA ASP A 111 -9.11 16.26 -10.27
C ASP A 111 -10.17 17.33 -10.48
N ALA A 112 -10.50 17.62 -11.76
CA ALA A 112 -11.47 18.70 -12.04
C ALA A 112 -12.83 18.30 -11.53
N SER A 113 -13.20 17.01 -11.62
CA SER A 113 -14.52 16.58 -11.18
C SER A 113 -14.69 16.69 -9.62
N ILE A 114 -13.63 16.32 -8.88
CA ILE A 114 -13.60 16.55 -7.41
C ILE A 114 -13.69 18.04 -7.06
N ASP A 115 -12.93 18.87 -7.75
CA ASP A 115 -12.92 20.30 -7.43
C ASP A 115 -14.26 20.97 -7.69
N THR A 116 -14.94 20.60 -8.77
CA THR A 116 -16.22 21.27 -9.09
C THR A 116 -17.29 20.75 -8.15
N MET A 117 -17.20 19.47 -7.77
CA MET A 117 -18.15 18.95 -6.79
C MET A 117 -18.02 19.72 -5.49
N PHE A 118 -16.80 19.97 -5.02
CA PHE A 118 -16.69 20.68 -3.74
C PHE A 118 -17.08 22.18 -3.83
N ALA A 119 -16.82 22.80 -4.99
CA ALA A 119 -17.32 24.16 -5.25
C ALA A 119 -18.85 24.19 -5.23
N GLU A 120 -19.50 23.17 -5.80
CA GLU A 120 -20.95 23.04 -5.72
C GLU A 120 -21.37 22.84 -4.27
N LEU A 121 -20.71 21.93 -3.58
CA LEU A 121 -21.02 21.70 -2.18
C LEU A 121 -20.88 22.98 -1.33
N GLY A 122 -19.85 23.79 -1.59
CA GLY A 122 -19.62 25.00 -0.81
C GLY A 122 -20.75 26.04 -0.89
N LYS A 123 -21.59 26.00 -1.92
CA LYS A 123 -22.70 26.94 -2.02
C LYS A 123 -23.75 26.67 -0.97
N VAL A 124 -23.94 25.40 -0.62
CA VAL A 124 -24.88 25.06 0.44
C VAL A 124 -24.20 24.80 1.80
N TRP A 125 -22.95 24.31 1.78
CA TRP A 125 -22.21 23.98 3.01
C TRP A 125 -20.87 24.67 2.94
N PRO A 126 -20.80 25.96 3.31
CA PRO A 126 -19.48 26.55 3.15
C PRO A 126 -18.44 25.83 4.01
N LYS A 127 -18.92 25.28 5.12
CA LYS A 127 -18.07 24.44 5.98
C LYS A 127 -18.82 23.18 6.23
N PHE A 128 -18.10 22.11 6.52
CA PHE A 128 -18.81 20.90 6.90
C PHE A 128 -17.88 19.99 7.74
N ASP A 129 -18.37 18.80 8.13
CA ASP A 129 -17.72 18.04 9.21
C ASP A 129 -17.05 16.73 8.79
N GLY A 130 -16.85 16.54 7.50
CA GLY A 130 -16.14 15.33 7.02
C GLY A 130 -16.88 14.57 5.96
N PHE A 131 -16.32 13.43 5.56
CA PHE A 131 -16.88 12.64 4.49
C PHE A 131 -16.58 11.17 4.66
N VAL A 132 -17.47 10.33 4.13
CA VAL A 132 -17.30 8.92 4.06
C VAL A 132 -16.88 8.52 2.63
N HIS A 133 -15.70 7.95 2.55
CA HIS A 133 -15.13 7.50 1.29
C HIS A 133 -15.38 6.02 1.18
N SER A 134 -16.26 5.64 0.25
CA SER A 134 -16.66 4.25 0.14
C SER A 134 -16.57 3.87 -1.33
N ILE A 135 -15.34 3.96 -1.85
CA ILE A 135 -15.05 3.87 -3.27
C ILE A 135 -13.83 2.98 -3.45
N GLY A 136 -13.90 2.07 -4.41
CA GLY A 136 -12.71 1.36 -4.88
C GLY A 136 -13.09 0.71 -6.18
N PHE A 137 -12.09 0.37 -6.99
CA PHE A 137 -12.33 -0.33 -8.25
C PHE A 137 -11.00 -0.88 -8.75
N ALA A 138 -11.06 -2.03 -9.41
CA ALA A 138 -9.91 -2.53 -10.16
C ALA A 138 -10.56 -3.17 -11.41
N PRO A 139 -9.91 -3.08 -12.60
CA PRO A 139 -10.49 -3.72 -13.79
C PRO A 139 -10.73 -5.20 -13.56
N GLY A 140 -11.83 -5.68 -14.11
CA GLY A 140 -12.33 -7.04 -13.86
C GLY A 140 -11.29 -8.16 -13.94
N ASP A 141 -10.40 -8.11 -14.93
CA ASP A 141 -9.37 -9.14 -15.08
C ASP A 141 -8.37 -9.24 -13.90
N GLN A 142 -8.31 -8.19 -13.08
CA GLN A 142 -7.32 -8.12 -11.98
C GLN A 142 -7.63 -9.11 -10.87
N LEU A 143 -8.92 -9.37 -10.69
CA LEU A 143 -9.48 -9.98 -9.48
C LEU A 143 -9.89 -11.43 -9.63
N ASP A 144 -9.20 -12.18 -10.47
CA ASP A 144 -9.52 -13.58 -10.60
C ASP A 144 -8.23 -14.30 -10.98
N GLY A 145 -7.96 -15.43 -10.34
CA GLY A 145 -6.80 -16.27 -10.70
C GLY A 145 -5.50 -15.89 -9.99
N ASP A 146 -4.43 -16.60 -10.34
CA ASP A 146 -3.11 -16.32 -9.79
C ASP A 146 -2.78 -14.82 -9.82
N TYR A 147 -2.34 -14.28 -8.68
CA TYR A 147 -2.09 -12.84 -8.55
C TYR A 147 -1.00 -12.38 -9.50
N VAL A 148 0.09 -13.13 -9.54
CA VAL A 148 1.23 -12.68 -10.34
C VAL A 148 0.86 -12.70 -11.84
N ASN A 149 0.10 -13.70 -12.26
CA ASN A 149 -0.35 -13.70 -13.65
C ASN A 149 -1.40 -12.63 -13.97
N ALA A 150 -2.31 -12.38 -13.03
CA ALA A 150 -3.40 -11.42 -13.28
C ALA A 150 -2.93 -9.94 -13.28
N VAL A 151 -2.02 -9.56 -12.38
CA VAL A 151 -1.71 -8.12 -12.23
C VAL A 151 -0.97 -7.59 -13.47
N THR A 152 -1.27 -6.35 -13.88
CA THR A 152 -0.56 -5.68 -14.96
C THR A 152 -0.25 -4.26 -14.45
N ARG A 153 0.64 -3.54 -15.16
CA ARG A 153 1.04 -2.22 -14.76
C ARG A 153 -0.20 -1.29 -14.69
N GLU A 154 -1.03 -1.39 -15.73
CA GLU A 154 -2.23 -0.56 -15.88
C GLU A 154 -3.30 -0.91 -14.83
N GLY A 155 -3.52 -2.19 -14.62
CA GLY A 155 -4.47 -2.64 -13.64
C GLY A 155 -4.06 -2.23 -12.23
N PHE A 156 -2.77 -2.26 -11.94
CA PHE A 156 -2.22 -1.83 -10.66
C PHE A 156 -2.43 -0.31 -10.54
N LYS A 157 -2.18 0.42 -11.63
CA LYS A 157 -2.25 1.88 -11.61
C LYS A 157 -3.67 2.35 -11.23
N ILE A 158 -4.66 1.74 -11.86
CA ILE A 158 -6.07 2.10 -11.69
C ILE A 158 -6.57 1.71 -10.29
N ALA A 159 -6.32 0.47 -9.89
CA ALA A 159 -6.68 0.00 -8.55
C ALA A 159 -6.17 0.97 -7.48
N HIS A 160 -4.93 1.41 -7.57
CA HIS A 160 -4.38 2.28 -6.51
C HIS A 160 -4.94 3.70 -6.64
N ASP A 161 -5.08 4.15 -7.87
CA ASP A 161 -5.56 5.52 -8.14
C ASP A 161 -6.98 5.70 -7.59
N ILE A 162 -7.85 4.77 -7.96
CA ILE A 162 -9.28 4.86 -7.59
C ILE A 162 -9.53 4.48 -6.11
N SER A 163 -8.85 3.43 -5.64
CA SER A 163 -9.18 2.83 -4.36
C SER A 163 -8.35 3.46 -3.24
N SER A 164 -7.24 4.12 -3.56
CA SER A 164 -6.38 4.70 -2.53
C SER A 164 -6.13 6.19 -2.71
N TYR A 165 -5.58 6.58 -3.86
CA TYR A 165 -5.29 8.00 -4.11
C TYR A 165 -6.50 8.90 -3.94
N SER A 166 -7.66 8.40 -4.33
CA SER A 166 -8.86 9.21 -4.31
C SER A 166 -9.27 9.70 -2.92
N PHE A 167 -9.02 8.91 -1.87
CA PHE A 167 -9.24 9.35 -0.48
C PHE A 167 -8.48 10.63 -0.15
N VAL A 168 -7.18 10.69 -0.42
CA VAL A 168 -6.46 11.93 -0.14
C VAL A 168 -6.77 13.04 -1.16
N ALA A 169 -7.09 12.68 -2.41
CA ALA A 169 -7.54 13.69 -3.39
C ALA A 169 -8.77 14.46 -2.88
N MET A 170 -9.73 13.76 -2.30
CA MET A 170 -10.91 14.43 -1.78
C MET A 170 -10.56 15.31 -0.57
N ALA A 171 -9.72 14.79 0.30
CA ALA A 171 -9.26 15.55 1.46
C ALA A 171 -8.52 16.82 1.02
N LYS A 172 -7.64 16.73 0.02
CA LYS A 172 -6.94 17.91 -0.44
C LYS A 172 -7.95 18.95 -0.93
N ALA A 173 -8.95 18.49 -1.68
CA ALA A 173 -9.90 19.38 -2.33
C ALA A 173 -10.88 20.02 -1.35
N CYS A 174 -11.09 19.44 -0.17
CA CYS A 174 -11.99 20.12 0.78
C CYS A 174 -11.32 20.59 2.09
N ARG A 175 -9.99 20.54 2.15
CA ARG A 175 -9.30 20.79 3.41
C ARG A 175 -9.74 22.09 4.12
N SER A 176 -9.77 23.18 3.39
CA SER A 176 -10.11 24.46 3.98
C SER A 176 -11.58 24.56 4.40
N MET A 177 -12.40 23.60 3.97
CA MET A 177 -13.82 23.62 4.27
C MET A 177 -14.14 22.84 5.54
N LEU A 178 -13.19 22.08 6.06
CA LEU A 178 -13.52 21.20 7.18
C LEU A 178 -13.49 21.97 8.52
N ASN A 179 -14.56 21.83 9.32
CA ASN A 179 -14.57 22.41 10.67
C ASN A 179 -13.59 21.69 11.60
N PRO A 180 -13.04 22.39 12.62
CA PRO A 180 -12.40 21.62 13.69
C PRO A 180 -13.39 20.57 14.20
N GLY A 181 -12.92 19.41 14.64
CA GLY A 181 -13.83 18.36 15.05
C GLY A 181 -14.30 17.47 13.89
N SER A 182 -13.90 17.78 12.66
CA SER A 182 -14.22 16.95 11.50
C SER A 182 -13.61 15.53 11.56
N ALA A 183 -14.26 14.59 10.88
CA ALA A 183 -13.77 13.21 10.77
C ALA A 183 -13.93 12.68 9.32
N LEU A 184 -12.84 12.09 8.81
CA LEU A 184 -12.93 11.39 7.53
C LEU A 184 -12.85 9.90 7.75
N LEU A 185 -13.57 9.16 6.92
CA LEU A 185 -13.65 7.74 7.05
C LEU A 185 -13.53 7.08 5.69
N THR A 186 -12.81 5.96 5.62
CA THR A 186 -12.74 5.14 4.40
C THR A 186 -13.01 3.70 4.75
N LEU A 187 -13.20 2.86 3.73
CA LEU A 187 -13.53 1.44 3.91
C LEU A 187 -12.43 0.57 3.32
N SER A 188 -11.88 -0.29 4.15
CA SER A 188 -10.79 -1.15 3.74
C SER A 188 -11.21 -2.59 4.00
N TYR A 189 -10.27 -3.51 3.84
CA TYR A 189 -10.64 -4.92 3.90
C TYR A 189 -9.39 -5.73 4.25
N LEU A 190 -9.59 -6.89 4.86
CA LEU A 190 -8.51 -7.75 5.41
C LEU A 190 -7.43 -8.10 4.36
N GLY A 191 -7.80 -8.09 3.07
CA GLY A 191 -6.82 -8.30 1.98
C GLY A 191 -5.65 -7.33 2.01
N ALA A 192 -5.84 -6.19 2.67
CA ALA A 192 -4.79 -5.20 2.83
C ALA A 192 -3.64 -5.81 3.67
N GLU A 193 -4.03 -6.69 4.61
CA GLU A 193 -3.17 -7.24 5.66
C GLU A 193 -2.72 -8.68 5.40
N ARG A 194 -3.59 -9.50 4.78
CA ARG A 194 -3.25 -10.87 4.47
C ARG A 194 -3.43 -11.06 2.96
N ALA A 195 -2.72 -12.04 2.40
CA ALA A 195 -2.90 -12.47 1.00
C ALA A 195 -4.15 -13.29 0.91
N ILE A 196 -5.14 -12.74 0.23
CA ILE A 196 -6.38 -13.48 0.00
C ILE A 196 -6.46 -13.86 -1.48
N PRO A 197 -6.78 -15.13 -1.78
CA PRO A 197 -6.96 -15.54 -3.17
C PRO A 197 -7.94 -14.65 -3.91
N ASN A 198 -7.56 -14.26 -5.13
CA ASN A 198 -8.44 -13.54 -6.07
C ASN A 198 -8.60 -12.07 -5.79
N TYR A 199 -8.51 -11.66 -4.53
CA TYR A 199 -8.43 -10.23 -4.17
C TYR A 199 -7.25 -9.55 -4.84
N ASN A 200 -6.12 -10.26 -4.99
CA ASN A 200 -5.03 -9.78 -5.83
C ASN A 200 -4.61 -8.31 -5.68
N VAL A 201 -4.54 -7.53 -6.77
CA VAL A 201 -4.00 -6.15 -6.64
C VAL A 201 -4.84 -5.22 -5.74
N MET A 202 -6.08 -5.58 -5.52
CA MET A 202 -6.91 -4.77 -4.62
C MET A 202 -6.33 -4.82 -3.18
N GLY A 203 -5.65 -5.92 -2.82
CA GLY A 203 -5.02 -6.00 -1.48
C GLY A 203 -3.90 -4.96 -1.38
N LEU A 204 -3.14 -4.80 -2.46
CA LEU A 204 -2.09 -3.81 -2.45
C LEU A 204 -2.70 -2.42 -2.37
N ALA A 205 -3.79 -2.20 -3.10
CA ALA A 205 -4.38 -0.87 -3.09
C ALA A 205 -4.99 -0.57 -1.73
N LYS A 206 -5.54 -1.56 -1.04
CA LYS A 206 -6.10 -1.35 0.28
C LYS A 206 -4.98 -1.11 1.32
N ALA A 207 -3.83 -1.74 1.10
CA ALA A 207 -2.70 -1.50 2.00
C ALA A 207 -2.21 -0.05 1.88
N SER A 208 -2.15 0.43 0.64
CA SER A 208 -1.78 1.80 0.34
C SER A 208 -2.85 2.73 1.00
N LEU A 209 -4.13 2.34 0.88
CA LEU A 209 -5.24 3.11 1.48
C LEU A 209 -5.11 3.20 3.04
N GLU A 210 -4.77 2.08 3.68
CA GLU A 210 -4.54 2.09 5.16
C GLU A 210 -3.38 2.99 5.59
N ALA A 211 -2.29 2.97 4.80
CA ALA A 211 -1.20 3.85 5.09
C ALA A 211 -1.65 5.28 4.82
N ASN A 212 -2.50 5.49 3.80
CA ASN A 212 -3.02 6.83 3.52
C ASN A 212 -3.75 7.39 4.76
N VAL A 213 -4.62 6.56 5.35
CA VAL A 213 -5.32 6.87 6.61
C VAL A 213 -4.33 7.39 7.66
N ARG A 214 -3.21 6.69 7.83
CA ARG A 214 -2.18 7.11 8.85
C ARG A 214 -1.52 8.43 8.51
N TYR A 215 -1.10 8.57 7.26
CA TYR A 215 -0.44 9.78 6.78
C TYR A 215 -1.41 10.99 6.78
N MET A 216 -2.65 10.75 6.38
CA MET A 216 -3.67 11.83 6.46
C MET A 216 -3.98 12.19 7.91
N ALA A 217 -4.07 11.20 8.77
CA ALA A 217 -4.41 11.47 10.19
C ALA A 217 -3.32 12.32 10.80
N ASN A 218 -2.09 11.95 10.49
CA ASN A 218 -0.95 12.66 11.00
C ASN A 218 -0.81 14.08 10.42
N ALA A 219 -1.09 14.24 9.13
CA ALA A 219 -1.01 15.54 8.51
C ALA A 219 -2.14 16.46 9.02
N MET A 220 -3.34 15.92 9.19
CA MET A 220 -4.51 16.77 9.40
C MET A 220 -4.92 16.95 10.86
N GLY A 221 -4.34 16.12 11.73
CA GLY A 221 -4.63 16.13 13.17
C GLY A 221 -4.48 17.51 13.79
N PRO A 222 -3.37 18.23 13.52
CA PRO A 222 -3.16 19.58 14.10
C PRO A 222 -4.23 20.58 13.82
N GLU A 223 -4.95 20.47 12.70
CA GLU A 223 -6.04 21.45 12.49
C GLU A 223 -7.41 20.88 12.83
N GLY A 224 -7.43 19.83 13.64
CA GLY A 224 -8.63 19.36 14.23
C GLY A 224 -9.40 18.35 13.40
N VAL A 225 -8.73 17.59 12.54
CA VAL A 225 -9.42 16.57 11.70
C VAL A 225 -8.89 15.16 12.04
N ARG A 226 -9.77 14.19 12.26
CA ARG A 226 -9.41 12.80 12.46
C ARG A 226 -9.66 12.00 11.17
N VAL A 227 -8.96 10.86 11.02
CA VAL A 227 -9.06 10.07 9.79
C VAL A 227 -8.93 8.62 10.16
N ASN A 228 -9.95 7.82 9.90
CA ASN A 228 -9.93 6.40 10.26
C ASN A 228 -10.44 5.53 9.11
N ALA A 229 -10.34 4.23 9.26
CA ALA A 229 -10.92 3.31 8.32
C ALA A 229 -11.64 2.27 9.09
N ILE A 230 -12.63 1.67 8.45
CA ILE A 230 -13.22 0.47 8.94
C ILE A 230 -12.76 -0.64 7.99
N SER A 231 -12.22 -1.72 8.55
CA SER A 231 -11.90 -2.93 7.78
C SER A 231 -13.09 -3.86 7.98
N ALA A 232 -13.96 -3.94 6.97
CA ALA A 232 -15.25 -4.61 7.11
C ALA A 232 -15.09 -6.05 6.72
N GLY A 233 -15.82 -6.93 7.39
CA GLY A 233 -15.84 -8.33 6.98
C GLY A 233 -16.65 -8.40 5.68
N PRO A 234 -16.57 -9.53 4.96
CA PRO A 234 -17.34 -9.61 3.71
C PRO A 234 -18.86 -9.62 4.02
N ILE A 235 -19.62 -8.85 3.25
CA ILE A 235 -21.06 -8.73 3.53
C ILE A 235 -21.91 -9.66 2.63
N ARG A 236 -22.79 -10.46 3.24
CA ARG A 236 -23.73 -11.31 2.46
C ARG A 236 -24.70 -10.46 1.58
N THR A 237 -24.62 -10.58 0.25
CA THR A 237 -25.51 -9.78 -0.64
C THR A 237 -26.29 -10.61 -1.70
N ARG A 247 -18.44 -15.72 -2.76
CA ARG A 247 -19.62 -16.39 -2.22
C ARG A 247 -19.26 -17.57 -1.34
N LYS A 248 -18.14 -18.21 -1.67
CA LYS A 248 -17.60 -19.32 -0.87
C LYS A 248 -16.96 -18.75 0.38
N MET A 249 -16.37 -17.55 0.22
CA MET A 249 -15.77 -16.78 1.31
C MET A 249 -16.77 -16.46 2.41
N LEU A 250 -17.97 -16.07 2.02
CA LEU A 250 -19.06 -15.84 2.98
C LEU A 250 -19.40 -17.07 3.82
N ALA A 251 -19.49 -18.24 3.20
CA ALA A 251 -19.80 -19.46 3.94
C ALA A 251 -18.70 -19.76 4.94
N HIS A 252 -17.46 -19.46 4.53
CA HIS A 252 -16.28 -19.67 5.37
C HIS A 252 -16.29 -18.76 6.56
N CYS A 253 -16.49 -17.46 6.31
CA CYS A 253 -16.52 -16.44 7.37
C CYS A 253 -17.63 -16.65 8.39
N GLU A 254 -18.78 -17.14 7.94
CA GLU A 254 -19.91 -17.47 8.83
C GLU A 254 -19.51 -18.52 9.88
N ALA A 255 -18.82 -19.55 9.43
CA ALA A 255 -18.51 -20.68 10.28
C ALA A 255 -17.41 -20.34 11.28
N VAL A 256 -16.45 -19.51 10.88
CA VAL A 256 -15.25 -19.34 11.70
C VAL A 256 -15.13 -17.99 12.43
N THR A 257 -16.00 -17.04 12.10
CA THR A 257 -16.02 -15.74 12.73
C THR A 257 -16.50 -15.96 14.20
N PRO A 258 -15.80 -15.34 15.18
CA PRO A 258 -16.19 -15.52 16.60
C PRO A 258 -17.69 -15.30 16.88
N ILE A 259 -18.28 -14.22 16.35
CA ILE A 259 -19.73 -13.96 16.54
C ILE A 259 -20.67 -14.81 15.68
N ARG A 260 -20.09 -15.71 14.87
CA ARG A 260 -20.79 -16.75 14.09
C ARG A 260 -21.77 -16.24 13.07
N ARG A 261 -21.52 -15.05 12.54
CA ARG A 261 -22.32 -14.54 11.43
C ARG A 261 -21.40 -13.57 10.71
N THR A 262 -21.77 -13.22 9.49
CA THR A 262 -21.10 -12.15 8.78
C THR A 262 -21.69 -10.84 9.29
N VAL A 263 -20.94 -9.76 9.23
CA VAL A 263 -21.46 -8.49 9.61
C VAL A 263 -22.41 -7.97 8.53
N THR A 264 -23.26 -7.00 8.91
CA THR A 264 -24.22 -6.39 7.99
C THR A 264 -23.86 -4.94 7.76
N ILE A 265 -24.48 -4.33 6.76
CA ILE A 265 -24.29 -2.90 6.50
C ILE A 265 -24.78 -2.03 7.69
N GLU A 266 -25.71 -2.57 8.48
CA GLU A 266 -26.18 -1.91 9.74
C GLU A 266 -25.05 -1.87 10.78
N ASP A 267 -24.37 -3.01 10.97
CA ASP A 267 -23.15 -3.12 11.84
C ASP A 267 -22.11 -2.15 11.40
N VAL A 268 -21.76 -2.21 10.11
CA VAL A 268 -20.80 -1.29 9.55
C VAL A 268 -21.26 0.17 9.70
N GLY A 269 -22.52 0.41 9.37
CA GLY A 269 -23.07 1.77 9.45
C GLY A 269 -23.02 2.35 10.85
N ASN A 270 -23.30 1.54 11.86
CA ASN A 270 -23.29 2.01 13.26
C ASN A 270 -21.85 2.32 13.70
N SER A 271 -20.88 1.50 13.32
CA SER A 271 -19.47 1.84 13.56
C SER A 271 -19.02 3.08 12.84
N ALA A 272 -19.46 3.21 11.58
CA ALA A 272 -19.09 4.38 10.78
C ALA A 272 -19.64 5.67 11.43
N ALA A 273 -20.91 5.64 11.83
CA ALA A 273 -21.51 6.84 12.46
C ALA A 273 -20.71 7.21 13.74
N PHE A 274 -20.38 6.22 14.57
CA PHE A 274 -19.53 6.45 15.75
C PHE A 274 -18.21 7.13 15.34
N LEU A 275 -17.53 6.56 14.34
CA LEU A 275 -16.22 7.07 13.95
C LEU A 275 -16.25 8.45 13.31
N CYS A 276 -17.40 8.86 12.78
CA CYS A 276 -17.54 10.21 12.30
C CYS A 276 -18.06 11.22 13.36
N SER A 277 -18.41 10.74 14.54
CA SER A 277 -19.02 11.56 15.62
C SER A 277 -18.01 12.01 16.67
N ASP A 278 -18.39 12.97 17.50
CA ASP A 278 -17.47 13.41 18.53
C ASP A 278 -17.25 12.39 19.65
N LEU A 279 -18.08 11.34 19.69
CA LEU A 279 -17.80 10.20 20.58
C LEU A 279 -16.46 9.51 20.30
N SER A 280 -15.95 9.59 19.06
CA SER A 280 -14.68 8.91 18.73
C SER A 280 -13.52 9.90 18.70
N ALA A 281 -13.70 11.02 19.41
CA ALA A 281 -12.73 12.07 19.48
C ALA A 281 -11.31 11.61 19.85
N GLY A 282 -11.16 10.51 20.57
CA GLY A 282 -9.79 10.07 20.95
C GLY A 282 -9.19 9.05 19.93
N ILE A 283 -9.88 8.82 18.80
CA ILE A 283 -9.49 7.79 17.82
C ILE A 283 -9.09 8.44 16.48
N SER A 284 -7.83 8.31 16.10
CA SER A 284 -7.41 8.79 14.80
C SER A 284 -6.28 7.94 14.25
N GLY A 285 -6.24 7.82 12.92
CA GLY A 285 -5.30 6.93 12.18
C GLY A 285 -5.44 5.44 12.45
N GLU A 286 -6.64 5.03 12.84
CA GLU A 286 -6.92 3.68 13.23
C GLU A 286 -7.65 2.91 12.12
N VAL A 287 -7.30 1.66 11.88
CA VAL A 287 -8.10 0.78 11.06
C VAL A 287 -8.87 -0.09 12.03
N VAL A 288 -10.20 0.15 12.20
CA VAL A 288 -10.97 -0.64 13.13
C VAL A 288 -11.58 -1.84 12.41
N HIS A 289 -11.41 -3.03 12.96
CA HIS A 289 -11.96 -4.23 12.35
C HIS A 289 -13.37 -4.39 12.73
N VAL A 290 -14.25 -4.33 11.71
CA VAL A 290 -15.70 -4.57 11.93
C VAL A 290 -16.01 -5.83 11.08
N ASP A 291 -15.49 -6.96 11.55
CA ASP A 291 -15.59 -8.23 10.85
C ASP A 291 -15.95 -9.31 11.83
N GLY A 292 -16.46 -8.90 12.99
CA GLY A 292 -16.96 -9.93 13.94
C GLY A 292 -15.85 -10.75 14.60
N GLY A 293 -14.63 -10.24 14.55
CA GLY A 293 -13.48 -10.96 15.12
C GLY A 293 -12.82 -11.95 14.16
N PHE A 294 -13.32 -12.04 12.91
CA PHE A 294 -12.74 -13.00 11.95
C PHE A 294 -11.21 -12.98 11.89
N SER A 295 -10.63 -11.81 11.71
CA SER A 295 -9.20 -11.67 11.52
C SER A 295 -8.34 -12.11 12.72
N ILE A 296 -8.92 -12.14 13.91
CA ILE A 296 -8.09 -12.43 15.06
C ILE A 296 -8.18 -13.89 15.46
N ALA A 297 -8.85 -14.72 14.67
CA ALA A 297 -8.93 -16.18 14.90
C ALA A 297 -8.17 -16.94 13.80
N ALA A 298 -7.78 -18.19 14.10
CA ALA A 298 -7.05 -19.05 13.15
C ALA A 298 -7.36 -20.48 13.49
N MET A 299 -7.54 -21.28 12.43
CA MET A 299 -7.83 -22.72 12.48
C MET A 299 -9.15 -23.10 13.17
N ASN A 300 -10.13 -22.20 13.17
CA ASN A 300 -11.41 -22.45 13.86
C ASN A 300 -12.27 -23.61 13.36
N GLY B 45 30.55 -20.97 0.97
CA GLY B 45 29.52 -20.05 1.56
C GLY B 45 28.13 -20.65 1.45
N PHE B 46 27.18 -20.11 2.23
CA PHE B 46 25.84 -20.67 2.24
C PHE B 46 24.97 -20.25 1.02
N LEU B 47 25.54 -19.48 0.10
CA LEU B 47 24.89 -19.23 -1.21
C LEU B 47 25.55 -20.00 -2.39
N SER B 48 26.47 -20.94 -2.11
CA SER B 48 27.12 -21.66 -3.19
C SER B 48 26.13 -22.40 -4.06
N GLY B 49 26.34 -22.37 -5.37
CA GLY B 49 25.36 -22.94 -6.28
C GLY B 49 24.16 -22.06 -6.64
N LYS B 50 24.17 -20.81 -6.15
CA LYS B 50 23.05 -19.89 -6.41
C LYS B 50 23.47 -18.81 -7.39
N ARG B 51 22.53 -18.40 -8.23
CA ARG B 51 22.74 -17.29 -9.15
C ARG B 51 21.65 -16.25 -8.86
N ILE B 52 22.07 -15.04 -8.49
CA ILE B 52 21.15 -14.02 -8.00
C ILE B 52 21.39 -12.76 -8.78
N LEU B 53 20.31 -12.17 -9.31
CA LEU B 53 20.33 -10.84 -9.91
C LEU B 53 20.13 -9.72 -8.88
N VAL B 54 20.95 -8.67 -8.95
CA VAL B 54 20.92 -7.62 -7.98
C VAL B 54 20.71 -6.31 -8.68
N THR B 55 19.58 -5.68 -8.37
CA THR B 55 19.22 -4.39 -8.94
C THR B 55 19.64 -3.33 -7.97
N GLY B 56 19.68 -2.07 -8.41
CA GLY B 56 19.84 -0.96 -7.49
C GLY B 56 21.25 -0.60 -7.05
N VAL B 57 22.27 -1.24 -7.61
CA VAL B 57 23.63 -0.85 -7.25
C VAL B 57 23.93 0.48 -7.94
N ALA B 58 24.12 1.53 -7.17
CA ALA B 58 24.36 2.84 -7.75
C ALA B 58 25.69 3.44 -7.30
N SER B 59 26.28 2.87 -6.26
CA SER B 59 27.51 3.40 -5.65
C SER B 59 27.90 2.44 -4.54
N LYS B 60 29.03 2.66 -3.90
CA LYS B 60 29.49 1.72 -2.89
C LYS B 60 28.74 1.90 -1.57
N LEU B 61 27.98 2.99 -1.48
CA LEU B 61 27.09 3.25 -0.34
C LEU B 61 25.69 2.58 -0.43
N SER B 62 25.30 2.19 -1.63
CA SER B 62 24.00 1.57 -1.88
C SER B 62 23.79 0.35 -0.99
N ILE B 63 22.57 0.23 -0.45
CA ILE B 63 22.21 -0.99 0.25
C ILE B 63 22.47 -2.18 -0.67
N ALA B 64 22.10 -2.05 -1.95
CA ALA B 64 22.30 -3.13 -2.93
C ALA B 64 23.77 -3.52 -3.05
N TYR B 65 24.66 -2.58 -2.82
CA TYR B 65 26.08 -2.94 -2.88
C TYR B 65 26.44 -3.87 -1.72
N GLY B 66 26.01 -3.49 -0.52
CA GLY B 66 26.31 -4.28 0.70
C GLY B 66 25.72 -5.67 0.56
N ILE B 67 24.53 -5.75 -0.04
CA ILE B 67 23.90 -7.06 -0.30
C ILE B 67 24.71 -7.90 -1.29
N ALA B 68 25.12 -7.26 -2.40
CA ALA B 68 25.91 -7.96 -3.44
C ALA B 68 27.21 -8.50 -2.79
N GLN B 69 27.93 -7.60 -2.11
CA GLN B 69 29.12 -7.95 -1.30
C GLN B 69 28.96 -9.16 -0.41
N ALA B 70 27.95 -9.14 0.47
CA ALA B 70 27.70 -10.30 1.34
C ALA B 70 27.41 -11.55 0.55
N MET B 71 26.59 -11.41 -0.50
CA MET B 71 26.23 -12.58 -1.33
C MET B 71 27.46 -13.19 -2.00
N HIS B 72 28.34 -12.34 -2.48
CA HIS B 72 29.54 -12.83 -3.17
C HIS B 72 30.43 -13.51 -2.14
N ARG B 73 30.48 -12.93 -0.94
CA ARG B 73 31.24 -13.52 0.17
C ARG B 73 30.76 -14.91 0.42
N GLU B 74 29.46 -15.15 0.25
CA GLU B 74 28.90 -16.45 0.55
C GLU B 74 28.82 -17.38 -0.63
N GLY B 75 29.47 -17.01 -1.73
CA GLY B 75 29.68 -17.95 -2.83
C GLY B 75 28.66 -17.87 -3.94
N ALA B 76 27.81 -16.84 -3.91
CA ALA B 76 26.77 -16.69 -4.96
C ALA B 76 27.44 -16.17 -6.25
N GLU B 77 26.95 -16.63 -7.40
CA GLU B 77 27.26 -16.00 -8.69
C GLU B 77 26.25 -14.86 -8.94
N LEU B 78 26.76 -13.68 -9.30
CA LEU B 78 25.93 -12.49 -9.35
C LEU B 78 25.73 -11.98 -10.78
N ALA B 79 24.59 -11.33 -11.00
CA ALA B 79 24.35 -10.47 -12.16
C ALA B 79 23.85 -9.10 -11.68
N PHE B 80 24.06 -8.05 -12.45
CA PHE B 80 23.71 -6.71 -12.00
C PHE B 80 22.89 -6.00 -13.06
N THR B 81 21.94 -5.17 -12.64
CA THR B 81 21.25 -4.28 -13.57
C THR B 81 21.67 -2.87 -13.31
N TYR B 82 21.43 -1.98 -14.26
CA TYR B 82 21.63 -0.57 -14.06
C TYR B 82 20.54 0.18 -14.80
N GLN B 83 20.16 1.31 -14.22
CA GLN B 83 18.99 2.07 -14.65
C GLN B 83 19.23 2.82 -15.95
N ASN B 84 20.36 3.52 -16.06
CA ASN B 84 20.66 4.38 -17.19
C ASN B 84 22.14 4.37 -17.60
N ASP B 85 22.37 4.71 -18.88
CA ASP B 85 23.66 4.58 -19.54
C ASP B 85 24.71 5.47 -18.87
N LYS B 86 24.30 6.19 -17.82
CA LYS B 86 25.24 6.94 -17.00
C LYS B 86 25.94 6.01 -16.01
N LEU B 87 25.17 5.32 -15.16
CA LEU B 87 25.71 4.33 -14.22
C LEU B 87 26.46 3.17 -14.91
N LYS B 88 26.30 2.99 -16.21
CA LYS B 88 26.80 1.79 -16.91
C LYS B 88 28.23 1.32 -16.56
N GLY B 89 29.21 2.19 -16.81
CA GLY B 89 30.62 1.86 -16.54
C GLY B 89 30.86 1.59 -15.07
N ARG B 90 30.31 2.47 -14.20
CA ARG B 90 30.44 2.39 -12.74
C ARG B 90 29.95 1.05 -12.17
N VAL B 91 28.83 0.56 -12.67
CA VAL B 91 28.30 -0.74 -12.26
C VAL B 91 29.12 -1.90 -12.84
N GLU B 92 29.51 -1.79 -14.10
CA GLU B 92 30.37 -2.83 -14.73
C GLU B 92 31.60 -3.15 -13.88
N GLU B 93 32.13 -2.15 -13.21
CA GLU B 93 33.32 -2.32 -12.47
C GLU B 93 33.04 -2.85 -11.06
N PHE B 94 31.97 -2.36 -10.39
CA PHE B 94 31.49 -3.04 -9.18
C PHE B 94 31.27 -4.53 -9.41
N ALA B 95 30.60 -4.89 -10.51
CA ALA B 95 30.38 -6.31 -10.88
C ALA B 95 31.66 -7.15 -10.96
N ALA B 96 32.67 -6.53 -11.56
CA ALA B 96 33.92 -7.18 -11.87
C ALA B 96 34.55 -7.63 -10.57
N GLN B 97 34.59 -6.71 -9.59
CA GLN B 97 35.11 -6.99 -8.27
C GLN B 97 34.32 -8.08 -7.54
N LEU B 98 33.16 -8.45 -8.06
CA LEU B 98 32.30 -9.42 -7.39
C LEU B 98 32.05 -10.64 -8.26
N GLY B 99 33.03 -10.96 -9.12
CA GLY B 99 33.04 -12.23 -9.85
C GLY B 99 32.18 -12.26 -11.10
N SER B 100 31.80 -11.08 -11.60
CA SER B 100 30.71 -11.02 -12.57
C SER B 100 30.98 -10.06 -13.71
N ASP B 101 30.64 -10.47 -14.92
CA ASP B 101 30.47 -9.50 -16.02
C ASP B 101 29.12 -9.67 -16.70
N ILE B 102 28.10 -9.90 -15.87
CA ILE B 102 26.72 -9.84 -16.31
C ILE B 102 26.17 -8.53 -15.76
N VAL B 103 26.24 -7.48 -16.60
CA VAL B 103 25.78 -6.15 -16.29
C VAL B 103 24.78 -5.68 -17.38
N LEU B 104 23.50 -5.54 -17.01
CA LEU B 104 22.43 -5.38 -17.98
C LEU B 104 21.59 -4.12 -17.66
N GLN B 105 21.23 -3.39 -18.71
CA GLN B 105 20.41 -2.18 -18.58
C GLN B 105 18.97 -2.62 -18.26
N CYS B 106 18.34 -1.91 -17.33
CA CYS B 106 16.92 -2.11 -17.06
C CYS B 106 16.30 -0.89 -16.40
N ASP B 107 15.34 -0.27 -17.08
CA ASP B 107 14.46 0.74 -16.45
C ASP B 107 13.11 0.07 -16.13
N VAL B 108 12.81 -0.07 -14.83
CA VAL B 108 11.58 -0.78 -14.40
C VAL B 108 10.26 -0.03 -14.65
N ALA B 109 10.35 1.22 -15.11
CA ALA B 109 9.20 1.96 -15.60
C ALA B 109 8.60 1.34 -16.87
N GLU B 110 9.37 0.52 -17.59
CA GLU B 110 8.98 0.00 -18.91
C GLU B 110 8.96 -1.49 -18.97
N ASP B 111 7.80 -2.09 -19.28
CA ASP B 111 7.72 -3.54 -19.47
C ASP B 111 8.72 -4.05 -20.51
N ALA B 112 8.89 -3.33 -21.62
CA ALA B 112 9.79 -3.81 -22.70
C ALA B 112 11.24 -3.96 -22.23
N SER B 113 11.70 -2.97 -21.48
CA SER B 113 13.04 -2.95 -20.94
C SER B 113 13.25 -4.14 -19.97
N ILE B 114 12.26 -4.42 -19.13
CA ILE B 114 12.35 -5.57 -18.22
C ILE B 114 12.43 -6.89 -18.99
N ASP B 115 11.56 -7.05 -19.98
CA ASP B 115 11.59 -8.22 -20.84
C ASP B 115 12.91 -8.41 -21.57
N THR B 116 13.46 -7.32 -22.10
CA THR B 116 14.65 -7.43 -22.94
C THR B 116 15.84 -7.71 -22.01
N MET B 117 15.81 -7.15 -20.80
CA MET B 117 16.84 -7.49 -19.79
C MET B 117 16.84 -8.97 -19.46
N PHE B 118 15.67 -9.55 -19.20
CA PHE B 118 15.63 -10.98 -18.83
C PHE B 118 15.94 -11.88 -20.02
N ALA B 119 15.63 -11.43 -21.23
CA ALA B 119 16.03 -12.18 -22.44
C ALA B 119 17.55 -12.23 -22.57
N GLU B 120 18.19 -11.09 -22.39
CA GLU B 120 19.65 -11.00 -22.32
C GLU B 120 20.20 -11.91 -21.20
N LEU B 121 19.59 -11.83 -20.01
CA LEU B 121 20.07 -12.61 -18.87
C LEU B 121 19.99 -14.09 -19.24
N GLY B 122 18.92 -14.46 -19.93
CA GLY B 122 18.67 -15.84 -20.31
C GLY B 122 19.77 -16.43 -21.21
N LYS B 123 20.53 -15.57 -21.87
CA LYS B 123 21.63 -16.02 -22.72
C LYS B 123 22.75 -16.64 -21.89
N VAL B 124 22.98 -16.13 -20.68
CA VAL B 124 24.03 -16.65 -19.80
C VAL B 124 23.44 -17.51 -18.68
N TRP B 125 22.19 -17.23 -18.29
CA TRP B 125 21.51 -17.98 -17.25
C TRP B 125 20.14 -18.40 -17.71
N PRO B 126 20.03 -19.55 -18.40
CA PRO B 126 18.67 -19.90 -18.77
C PRO B 126 17.78 -20.07 -17.53
N LYS B 127 18.39 -20.52 -16.41
CA LYS B 127 17.70 -20.62 -15.13
C LYS B 127 18.49 -19.86 -14.07
N PHE B 128 17.81 -19.38 -13.02
CA PHE B 128 18.51 -18.73 -11.92
C PHE B 128 17.65 -18.76 -10.66
N ASP B 129 18.17 -18.23 -9.55
CA ASP B 129 17.59 -18.55 -8.22
C ASP B 129 17.00 -17.36 -7.43
N GLY B 130 16.75 -16.27 -8.13
CA GLY B 130 15.99 -15.18 -7.60
C GLY B 130 16.72 -13.88 -7.79
N PHE B 131 16.18 -12.80 -7.19
CA PHE B 131 16.72 -11.48 -7.43
C PHE B 131 16.43 -10.56 -6.25
N VAL B 132 17.24 -9.52 -6.14
CA VAL B 132 17.10 -8.50 -5.14
C VAL B 132 16.62 -7.23 -5.80
N HIS B 133 15.47 -6.78 -5.34
CA HIS B 133 14.80 -5.56 -5.76
C HIS B 133 15.11 -4.50 -4.77
N SER B 134 15.95 -3.58 -5.17
CA SER B 134 16.37 -2.57 -4.27
C SER B 134 16.22 -1.27 -5.03
N ILE B 135 14.96 -0.94 -5.33
CA ILE B 135 14.58 0.16 -6.23
C ILE B 135 13.39 0.91 -5.61
N GLY B 136 13.45 2.23 -5.60
CA GLY B 136 12.33 3.06 -5.20
C GLY B 136 12.50 4.46 -5.74
N PHE B 137 11.41 5.17 -5.95
CA PHE B 137 11.54 6.57 -6.38
C PHE B 137 10.22 7.27 -6.13
N ALA B 138 10.27 8.52 -5.70
CA ALA B 138 9.13 9.41 -5.86
C ALA B 138 9.66 10.77 -6.31
N PRO B 139 8.89 11.49 -7.15
CA PRO B 139 9.31 12.88 -7.50
C PRO B 139 9.65 13.73 -6.27
N GLY B 140 10.76 14.47 -6.34
CA GLY B 140 11.32 15.17 -5.19
C GLY B 140 10.33 16.01 -4.43
N ASP B 141 9.44 16.69 -5.14
CA ASP B 141 8.39 17.51 -4.49
C ASP B 141 7.41 16.72 -3.61
N GLN B 142 7.38 15.40 -3.79
CA GLN B 142 6.49 14.56 -3.00
C GLN B 142 6.94 14.47 -1.55
N LEU B 143 8.24 14.65 -1.34
CA LEU B 143 8.90 14.22 -0.12
C LEU B 143 9.30 15.34 0.82
N ASP B 144 8.60 16.45 0.79
CA ASP B 144 8.94 17.56 1.65
C ASP B 144 7.66 18.21 2.12
N GLY B 145 7.51 18.42 3.42
CA GLY B 145 6.37 19.14 3.95
C GLY B 145 5.12 18.32 4.22
N ASP B 146 4.03 19.04 4.52
CA ASP B 146 2.76 18.43 4.84
C ASP B 146 2.40 17.43 3.76
N TYR B 147 2.11 16.20 4.16
CA TYR B 147 1.78 15.13 3.19
C TYR B 147 0.59 15.47 2.25
N VAL B 148 -0.51 15.89 2.86
CA VAL B 148 -1.74 16.22 2.13
C VAL B 148 -1.51 17.36 1.14
N ASN B 149 -0.68 18.34 1.49
CA ASN B 149 -0.40 19.43 0.56
C ASN B 149 0.54 19.03 -0.53
N ALA B 150 1.49 18.13 -0.23
CA ALA B 150 2.52 17.66 -1.18
C ALA B 150 2.07 16.61 -2.19
N VAL B 151 1.25 15.68 -1.75
CA VAL B 151 0.83 14.56 -2.62
C VAL B 151 0.04 15.06 -3.84
N THR B 152 0.29 14.47 -5.01
CA THR B 152 -0.49 14.73 -6.25
C THR B 152 -0.86 13.42 -6.90
N ARG B 153 -1.84 13.43 -7.80
CA ARG B 153 -2.20 12.19 -8.48
C ARG B 153 -0.97 11.57 -9.18
N GLU B 154 -0.20 12.43 -9.85
CA GLU B 154 0.98 12.02 -10.63
C GLU B 154 2.14 11.51 -9.71
N GLY B 155 2.39 12.24 -8.62
CA GLY B 155 3.40 11.86 -7.61
C GLY B 155 3.07 10.51 -7.01
N PHE B 156 1.79 10.25 -6.76
CA PHE B 156 1.32 9.01 -6.14
C PHE B 156 1.51 7.88 -7.15
N LYS B 157 1.13 8.13 -8.40
CA LYS B 157 1.22 7.11 -9.45
C LYS B 157 2.66 6.62 -9.63
N ILE B 158 3.62 7.54 -9.76
CA ILE B 158 5.05 7.19 -10.02
C ILE B 158 5.68 6.48 -8.84
N ALA B 159 5.43 7.00 -7.64
CA ALA B 159 5.89 6.34 -6.41
C ALA B 159 5.42 4.90 -6.31
N HIS B 160 4.14 4.65 -6.56
CA HIS B 160 3.64 3.27 -6.50
C HIS B 160 4.16 2.40 -7.66
N ASP B 161 4.23 2.98 -8.85
CA ASP B 161 4.65 2.24 -10.04
C ASP B 161 6.10 1.78 -9.90
N ILE B 162 6.99 2.69 -9.54
CA ILE B 162 8.43 2.35 -9.45
C ILE B 162 8.82 1.62 -8.16
N SER B 163 8.21 2.01 -7.03
CA SER B 163 8.55 1.47 -5.72
C SER B 163 7.82 0.19 -5.39
N SER B 164 6.67 -0.05 -6.01
CA SER B 164 5.91 -1.26 -5.69
C SER B 164 5.59 -2.17 -6.88
N TYR B 165 4.98 -1.60 -7.94
CA TYR B 165 4.61 -2.45 -9.07
C TYR B 165 5.87 -3.14 -9.71
N SER B 166 6.97 -2.42 -9.80
CA SER B 166 8.17 -2.96 -10.45
C SER B 166 8.66 -4.28 -9.84
N PHE B 167 8.44 -4.48 -8.53
CA PHE B 167 8.81 -5.74 -7.87
C PHE B 167 8.05 -6.90 -8.50
N VAL B 168 6.75 -6.75 -8.71
CA VAL B 168 6.01 -7.89 -9.28
C VAL B 168 6.18 -7.95 -10.81
N ALA B 169 6.40 -6.77 -11.44
CA ALA B 169 6.72 -6.70 -12.89
C ALA B 169 7.99 -7.54 -13.20
N MET B 170 9.04 -7.41 -12.38
CA MET B 170 10.21 -8.30 -12.48
C MET B 170 9.90 -9.77 -12.24
N ALA B 171 9.12 -10.09 -11.21
CA ALA B 171 8.73 -11.48 -10.99
C ALA B 171 7.94 -12.10 -12.17
N LYS B 172 6.98 -11.34 -12.69
CA LYS B 172 6.24 -11.80 -13.86
C LYS B 172 7.20 -12.18 -14.99
N ALA B 173 8.15 -11.30 -15.28
CA ALA B 173 8.99 -11.40 -16.47
C ALA B 173 10.03 -12.51 -16.36
N CYS B 174 10.40 -12.92 -15.14
CA CYS B 174 11.34 -14.05 -14.99
C CYS B 174 10.74 -15.31 -14.36
N ARG B 175 9.41 -15.38 -14.19
CA ARG B 175 8.84 -16.52 -13.46
C ARG B 175 9.26 -17.91 -14.00
N SER B 176 9.22 -18.10 -15.34
CA SER B 176 9.50 -19.43 -15.92
C SER B 176 10.99 -19.73 -15.86
N MET B 177 11.79 -18.72 -15.56
CA MET B 177 13.23 -18.86 -15.41
C MET B 177 13.68 -19.26 -13.99
N LEU B 178 12.81 -19.19 -12.99
CA LEU B 178 13.26 -19.41 -11.61
C LEU B 178 13.39 -20.88 -11.28
N ASN B 179 14.51 -21.28 -10.68
CA ASN B 179 14.63 -22.65 -10.11
C ASN B 179 13.69 -22.92 -8.92
N PRO B 180 13.32 -24.19 -8.66
CA PRO B 180 12.71 -24.45 -7.34
C PRO B 180 13.72 -24.02 -6.28
N GLY B 181 13.26 -23.58 -5.12
CA GLY B 181 14.19 -23.02 -4.12
C GLY B 181 14.62 -21.60 -4.39
N SER B 182 14.05 -20.94 -5.39
CA SER B 182 14.37 -19.52 -5.59
C SER B 182 13.82 -18.60 -4.48
N ALA B 183 14.44 -17.42 -4.32
CA ALA B 183 13.99 -16.43 -3.36
C ALA B 183 14.07 -15.04 -3.96
N LEU B 184 13.00 -14.28 -3.71
CA LEU B 184 12.93 -12.86 -4.09
C LEU B 184 12.98 -11.97 -2.87
N LEU B 185 13.66 -10.82 -2.99
CA LEU B 185 13.84 -9.93 -1.86
C LEU B 185 13.66 -8.52 -2.30
N THR B 186 12.90 -7.76 -1.50
CA THR B 186 12.82 -6.34 -1.69
C THR B 186 13.16 -5.62 -0.40
N LEU B 187 13.30 -4.30 -0.50
CA LEU B 187 13.68 -3.44 0.59
C LEU B 187 12.54 -2.44 0.90
N SER B 188 12.08 -2.45 2.14
CA SER B 188 11.02 -1.56 2.58
C SER B 188 11.53 -0.71 3.73
N TYR B 189 10.62 0.05 4.33
CA TYR B 189 11.00 0.99 5.35
C TYR B 189 9.81 1.20 6.32
N LEU B 190 10.10 1.48 7.59
CA LEU B 190 9.07 1.68 8.61
C LEU B 190 7.98 2.67 8.18
N GLY B 191 8.28 3.57 7.23
CA GLY B 191 7.32 4.46 6.60
C GLY B 191 6.04 3.77 6.14
N ALA B 192 6.14 2.47 5.81
CA ALA B 192 4.98 1.64 5.42
C ALA B 192 3.99 1.50 6.54
N GLU B 193 4.50 1.39 7.78
CA GLU B 193 3.71 1.04 8.98
C GLU B 193 3.27 2.23 9.82
N ARG B 194 4.07 3.30 9.83
CA ARG B 194 3.85 4.47 10.67
C ARG B 194 3.90 5.67 9.75
N ALA B 195 3.25 6.75 10.16
CA ALA B 195 3.34 8.04 9.50
C ALA B 195 4.60 8.75 9.95
N ILE B 196 5.50 8.99 9.01
CA ILE B 196 6.78 9.60 9.28
C ILE B 196 6.75 10.89 8.48
N PRO B 197 7.09 12.03 9.13
CA PRO B 197 7.17 13.33 8.42
C PRO B 197 8.01 13.25 7.17
N ASN B 198 7.50 13.85 6.09
CA ASN B 198 8.26 14.03 4.84
C ASN B 198 8.33 12.79 3.96
N TYR B 199 8.24 11.63 4.57
CA TYR B 199 8.30 10.38 3.81
C TYR B 199 7.04 10.31 2.92
N ASN B 200 5.93 10.87 3.44
CA ASN B 200 4.76 11.20 2.60
C ASN B 200 4.29 10.05 1.75
N VAL B 201 4.17 10.25 0.43
CA VAL B 201 3.53 9.20 -0.40
C VAL B 201 4.40 7.93 -0.53
N MET B 202 5.70 8.03 -0.24
CA MET B 202 6.56 6.83 -0.24
C MET B 202 6.09 5.77 0.79
N GLY B 203 5.53 6.25 1.88
CA GLY B 203 4.93 5.39 2.91
C GLY B 203 3.81 4.54 2.35
N LEU B 204 2.93 5.15 1.57
CA LEU B 204 1.86 4.39 0.90
C LEU B 204 2.45 3.37 -0.10
N ALA B 205 3.44 3.80 -0.90
CA ALA B 205 4.08 2.91 -1.90
C ALA B 205 4.75 1.73 -1.20
N LYS B 206 5.42 2.00 -0.07
CA LYS B 206 6.05 0.91 0.72
C LYS B 206 5.01 -0.03 1.34
N ALA B 207 3.87 0.53 1.72
CA ALA B 207 2.82 -0.36 2.25
C ALA B 207 2.26 -1.27 1.15
N SER B 208 1.94 -0.68 0.00
CA SER B 208 1.63 -1.44 -1.22
C SER B 208 2.73 -2.53 -1.53
N LEU B 209 3.99 -2.13 -1.45
CA LEU B 209 5.11 -3.09 -1.64
C LEU B 209 5.12 -4.26 -0.63
N GLU B 210 4.92 -3.97 0.66
CA GLU B 210 4.85 -5.07 1.64
C GLU B 210 3.65 -6.01 1.45
N ALA B 211 2.49 -5.47 1.07
CA ALA B 211 1.35 -6.33 0.64
C ALA B 211 1.74 -7.13 -0.62
N ASN B 212 2.44 -6.49 -1.54
CA ASN B 212 2.96 -7.14 -2.77
C ASN B 212 3.83 -8.38 -2.36
N VAL B 213 4.74 -8.18 -1.39
CA VAL B 213 5.49 -9.30 -0.79
C VAL B 213 4.58 -10.46 -0.40
N ARG B 214 3.48 -10.18 0.28
CA ARG B 214 2.57 -11.24 0.73
C ARG B 214 1.83 -11.92 -0.41
N TYR B 215 1.27 -11.14 -1.34
CA TYR B 215 0.51 -11.75 -2.45
C TYR B 215 1.43 -12.53 -3.39
N MET B 216 2.64 -11.99 -3.65
CA MET B 216 3.69 -12.73 -4.41
C MET B 216 4.07 -14.05 -3.73
N ALA B 217 4.30 -14.01 -2.40
CA ALA B 217 4.68 -15.21 -1.64
C ALA B 217 3.59 -16.19 -1.75
N ASN B 218 2.36 -15.73 -1.59
CA ASN B 218 1.23 -16.61 -1.69
C ASN B 218 1.09 -17.25 -3.09
N ALA B 219 1.29 -16.46 -4.13
CA ALA B 219 1.03 -16.92 -5.51
C ALA B 219 2.17 -17.84 -5.92
N MET B 220 3.41 -17.48 -5.56
CA MET B 220 4.61 -18.18 -6.08
C MET B 220 5.13 -19.32 -5.19
N GLY B 221 4.62 -19.40 -3.97
CA GLY B 221 5.07 -20.41 -3.04
C GLY B 221 4.91 -21.83 -3.52
N PRO B 222 3.73 -22.19 -4.06
CA PRO B 222 3.51 -23.61 -4.47
C PRO B 222 4.51 -24.11 -5.54
N GLU B 223 5.04 -23.20 -6.35
CA GLU B 223 6.01 -23.60 -7.36
C GLU B 223 7.43 -23.49 -6.78
N GLY B 224 7.56 -23.22 -5.48
CA GLY B 224 8.85 -23.29 -4.78
C GLY B 224 9.68 -22.00 -4.78
N VAL B 225 9.01 -20.85 -4.71
CA VAL B 225 9.73 -19.59 -4.68
C VAL B 225 9.29 -18.87 -3.40
N ARG B 226 10.25 -18.31 -2.66
CA ARG B 226 9.92 -17.53 -1.45
C ARG B 226 10.05 -16.07 -1.78
N VAL B 227 9.30 -15.23 -1.05
CA VAL B 227 9.32 -13.77 -1.27
C VAL B 227 9.26 -13.03 0.08
N ASN B 228 10.24 -12.16 0.35
CA ASN B 228 10.35 -11.46 1.62
C ASN B 228 10.80 -10.06 1.41
N ALA B 229 10.74 -9.26 2.47
CA ALA B 229 11.30 -7.92 2.46
C ALA B 229 12.18 -7.75 3.70
N ILE B 230 13.08 -6.79 3.64
CA ILE B 230 13.77 -6.34 4.80
C ILE B 230 13.31 -4.91 4.95
N SER B 231 12.81 -4.57 6.14
CA SER B 231 12.58 -3.19 6.49
C SER B 231 13.82 -2.71 7.24
N ALA B 232 14.66 -1.95 6.52
CA ALA B 232 15.92 -1.46 7.04
C ALA B 232 15.75 -0.18 7.81
N GLY B 233 16.59 0.01 8.81
CA GLY B 233 16.65 1.27 9.54
C GLY B 233 17.40 2.25 8.66
N PRO B 234 17.43 3.53 9.05
CA PRO B 234 18.06 4.50 8.18
C PRO B 234 19.57 4.31 8.03
N ILE B 235 20.03 4.52 6.80
CA ILE B 235 21.42 4.40 6.40
C ILE B 235 21.69 5.54 5.40
N ARG B 236 22.87 6.19 5.54
CA ARG B 236 23.36 7.24 4.60
C ARG B 236 23.74 6.74 3.20
N THR B 237 22.81 6.89 2.24
CA THR B 237 22.97 6.33 0.87
C THR B 237 22.83 7.36 -0.27
N PHE B 246 17.19 14.30 7.06
CA PHE B 246 17.70 12.94 7.18
C PHE B 246 18.89 12.84 8.12
N ARG B 247 19.71 13.89 8.20
CA ARG B 247 20.81 13.94 9.17
C ARG B 247 20.30 13.87 10.60
N LYS B 248 19.13 14.47 10.85
CA LYS B 248 18.46 14.41 12.16
C LYS B 248 17.75 13.05 12.39
N MET B 249 17.11 12.51 11.34
CA MET B 249 16.52 11.15 11.29
C MET B 249 17.52 10.03 11.66
N LEU B 250 18.69 10.01 11.00
CA LEU B 250 19.81 9.15 11.38
C LEU B 250 20.23 9.32 12.85
N ALA B 251 20.35 10.57 13.27
CA ALA B 251 20.83 10.89 14.62
C ALA B 251 19.88 10.40 15.71
N HIS B 252 18.59 10.62 15.50
CA HIS B 252 17.52 10.18 16.40
C HIS B 252 17.50 8.69 16.57
N CYS B 253 17.53 7.96 15.45
CA CYS B 253 17.48 6.48 15.47
C CYS B 253 18.66 5.87 16.24
N GLU B 254 19.83 6.53 16.17
CA GLU B 254 21.00 6.11 16.91
C GLU B 254 20.82 6.15 18.45
N ALA B 255 20.24 7.24 18.95
CA ALA B 255 19.99 7.44 20.37
C ALA B 255 18.94 6.50 20.97
N VAL B 256 17.90 6.18 20.19
CA VAL B 256 16.77 5.47 20.75
C VAL B 256 16.63 4.01 20.27
N THR B 257 17.46 3.56 19.33
CA THR B 257 17.45 2.17 18.88
C THR B 257 17.98 1.30 20.03
N PRO B 258 17.33 0.15 20.34
CA PRO B 258 17.91 -0.77 21.34
C PRO B 258 19.42 -1.04 21.21
N ILE B 259 19.93 -1.26 19.98
CA ILE B 259 21.37 -1.53 19.81
C ILE B 259 22.18 -0.24 19.82
N ARG B 260 21.55 0.93 19.96
CA ARG B 260 22.26 2.19 20.10
C ARG B 260 23.25 2.49 18.94
N ARG B 261 22.95 2.02 17.73
CA ARG B 261 23.68 2.45 16.56
C ARG B 261 22.74 2.32 15.37
N THR B 262 23.09 2.95 14.26
CA THR B 262 22.32 2.75 13.03
C THR B 262 22.89 1.51 12.36
N VAL B 263 22.06 0.80 11.59
CA VAL B 263 22.50 -0.42 10.95
C VAL B 263 23.37 -0.01 9.77
N THR B 264 24.17 -0.96 9.28
CA THR B 264 25.08 -0.65 8.19
C THR B 264 24.61 -1.43 6.97
N ILE B 265 25.10 -1.08 5.78
CA ILE B 265 24.86 -1.93 4.59
C ILE B 265 25.41 -3.34 4.75
N GLU B 266 26.33 -3.55 5.69
CA GLU B 266 26.80 -4.92 5.97
C GLU B 266 25.75 -5.72 6.73
N ASP B 267 25.13 -5.12 7.73
CA ASP B 267 24.08 -5.80 8.50
C ASP B 267 22.96 -6.18 7.56
N VAL B 268 22.55 -5.23 6.74
CA VAL B 268 21.43 -5.46 5.81
C VAL B 268 21.83 -6.51 4.78
N GLY B 269 23.05 -6.42 4.24
CA GLY B 269 23.56 -7.44 3.30
C GLY B 269 23.62 -8.86 3.81
N ASN B 270 24.09 -9.02 5.05
CA ASN B 270 24.07 -10.34 5.74
C ASN B 270 22.65 -10.92 5.95
N SER B 271 21.71 -10.06 6.36
CA SER B 271 20.31 -10.47 6.46
C SER B 271 19.75 -10.81 5.05
N ALA B 272 20.08 -9.97 4.07
CA ALA B 272 19.67 -10.22 2.69
C ALA B 272 20.20 -11.56 2.15
N ALA B 273 21.49 -11.80 2.42
CA ALA B 273 22.12 -13.05 1.96
C ALA B 273 21.40 -14.24 2.55
N PHE B 274 21.13 -14.18 3.86
CA PHE B 274 20.39 -15.22 4.54
C PHE B 274 19.02 -15.42 3.90
N LEU B 275 18.28 -14.35 3.70
CA LEU B 275 16.90 -14.45 3.19
C LEU B 275 16.81 -14.97 1.74
N CYS B 276 17.91 -14.90 0.98
CA CYS B 276 17.92 -15.43 -0.39
C CYS B 276 18.57 -16.80 -0.44
N SER B 277 19.01 -17.31 0.73
CA SER B 277 19.70 -18.62 0.82
C SER B 277 18.74 -19.67 1.29
N ASP B 278 19.13 -20.92 1.13
CA ASP B 278 18.28 -21.98 1.59
C ASP B 278 18.23 -22.09 3.11
N LEU B 279 19.08 -21.37 3.83
CA LEU B 279 19.00 -21.32 5.31
C LEU B 279 17.65 -20.79 5.79
N SER B 280 17.00 -19.95 4.97
CA SER B 280 15.73 -19.29 5.34
C SER B 280 14.54 -19.97 4.67
N ALA B 281 14.75 -21.22 4.25
CA ALA B 281 13.75 -22.00 3.58
C ALA B 281 12.38 -21.97 4.30
N GLY B 282 12.41 -21.70 5.62
CA GLY B 282 11.12 -21.66 6.39
C GLY B 282 10.38 -20.30 6.38
N ILE B 283 11.01 -19.29 5.79
CA ILE B 283 10.53 -17.92 5.84
C ILE B 283 10.02 -17.48 4.46
N SER B 284 8.73 -17.21 4.40
CA SER B 284 8.15 -16.56 3.23
C SER B 284 7.01 -15.56 3.54
N GLY B 285 6.99 -14.46 2.79
CA GLY B 285 5.94 -13.46 2.93
C GLY B 285 6.11 -12.51 4.09
N GLU B 286 7.34 -12.41 4.59
CA GLU B 286 7.68 -11.79 5.86
C GLU B 286 8.42 -10.48 5.60
N VAL B 287 8.12 -9.44 6.37
CA VAL B 287 8.93 -8.21 6.35
C VAL B 287 9.84 -8.29 7.58
N VAL B 288 11.14 -8.50 7.35
CA VAL B 288 12.03 -8.67 8.53
C VAL B 288 12.63 -7.30 8.87
N HIS B 289 12.46 -6.85 10.12
CA HIS B 289 13.00 -5.56 10.54
C HIS B 289 14.45 -5.69 10.83
N VAL B 290 15.26 -5.02 10.03
CA VAL B 290 16.69 -4.95 10.27
C VAL B 290 16.99 -3.49 10.54
N ASP B 291 16.49 -3.04 11.69
CA ASP B 291 16.61 -1.66 12.08
C ASP B 291 17.12 -1.59 13.53
N GLY B 292 17.71 -2.71 14.01
CA GLY B 292 18.22 -2.78 15.36
C GLY B 292 17.19 -2.66 16.48
N GLY B 293 15.92 -2.93 16.19
CA GLY B 293 14.87 -2.94 17.16
C GLY B 293 14.20 -1.58 17.28
N PHE B 294 14.51 -0.64 16.37
CA PHE B 294 13.96 0.70 16.53
C PHE B 294 12.42 0.70 16.57
N SER B 295 11.80 -0.02 15.64
CA SER B 295 10.36 0.04 15.53
C SER B 295 9.62 -0.58 16.73
N ILE B 296 10.31 -1.36 17.57
CA ILE B 296 9.61 -2.02 18.71
C ILE B 296 9.76 -1.32 20.09
N ALA B 297 10.39 -0.18 20.08
CA ALA B 297 10.55 0.64 21.25
C ALA B 297 9.68 1.89 21.09
N ALA B 298 9.32 2.50 22.23
CA ALA B 298 8.61 3.76 22.22
C ALA B 298 9.03 4.52 23.45
N MET B 299 9.25 5.82 23.26
CA MET B 299 9.55 6.77 24.33
C MET B 299 10.90 6.55 25.03
N ASN B 300 11.83 5.86 24.37
CA ASN B 300 13.19 5.66 24.93
C ASN B 300 13.92 6.97 25.25
PA NAD C . -20.52 -0.77 -4.07
O1A NAD C . -20.31 -1.32 -5.46
O2A NAD C . -21.94 -0.62 -3.62
O5B NAD C . -19.72 0.62 -4.01
C5B NAD C . -18.48 0.97 -4.65
C4B NAD C . -18.71 2.40 -5.02
O4B NAD C . -17.53 2.97 -5.62
C3B NAD C . -19.87 2.65 -6.01
O3B NAD C . -20.80 3.58 -5.47
C2B NAD C . -19.20 3.29 -7.22
O2B NAD C . -19.98 4.29 -7.87
C1B NAD C . -17.97 3.92 -6.57
N9A NAD C . -16.90 4.28 -7.47
C8A NAD C . -16.09 3.46 -8.24
N7A NAD C . -15.25 4.11 -9.01
C5A NAD C . -15.53 5.45 -8.74
C6A NAD C . -15.08 6.65 -9.33
N6A NAD C . -14.20 6.71 -10.35
N1A NAD C . -15.61 7.82 -8.87
C2A NAD C . -16.53 7.77 -7.90
N3A NAD C . -17.06 6.70 -7.30
C4A NAD C . -16.52 5.56 -7.79
O3 NAD C . -19.78 -1.79 -3.09
PN NAD C . -19.54 -1.77 -1.51
O1N NAD C . -19.69 -3.19 -1.05
O2N NAD C . -20.53 -0.83 -0.86
O5D NAD C . -18.00 -1.38 -1.19
C5D NAD C . -17.73 -0.03 -0.74
C4D NAD C . -16.31 -0.03 -0.23
O4D NAD C . -16.20 -0.92 0.91
C3D NAD C . -15.28 -0.52 -1.26
O3D NAD C . -14.11 0.27 -1.20
C2D NAD C . -15.03 -1.97 -0.84
O2D NAD C . -13.80 -2.54 -1.22
C1D NAD C . -15.18 -1.85 0.69
N1N NAD C . -15.55 -3.10 1.37
C2N NAD C . -16.58 -3.88 0.98
C3N NAD C . -16.80 -5.09 1.61
C7N NAD C . -17.93 -6.01 1.26
O7N NAD C . -17.95 -7.16 1.72
N7N NAD C . -18.85 -5.55 0.37
C4N NAD C . -15.95 -5.47 2.66
C5N NAD C . -14.92 -4.62 3.05
C6N NAD C . -14.73 -3.44 2.39
B1X BBN D . -13.83 -3.68 -2.22
O1X BBN D . -12.45 -3.89 -2.53
N2X BBN D . -14.74 -3.25 -3.35
C9X BBN D . -14.44 -2.20 -4.21
N3X BBN D . -15.29 -1.84 -5.17
O2X BBN D . -13.34 -1.65 -4.06
C4X BBN D . -14.32 -4.99 -1.51
C1X BBN D . -15.55 -5.57 -1.95
C2X BBN D . -16.25 -4.91 -3.04
N1X BBN D . -15.86 -3.86 -3.66
C5X BBN D . -13.64 -5.64 -0.48
C6X BBN D . -14.12 -6.81 0.08
C7X BBN D . -15.31 -7.37 -0.37
C8X BBN D . -16.02 -6.75 -1.38
PA NAD E . 20.37 4.05 -3.58
O1A NAD E . 20.39 5.50 -4.03
O2A NAD E . 21.73 3.46 -3.45
O5B NAD E . 19.40 3.16 -4.55
C5B NAD E . 18.18 3.53 -5.22
C4B NAD E . 18.26 2.77 -6.52
O4B NAD E . 17.00 2.85 -7.23
C3B NAD E . 19.35 3.28 -7.49
O3B NAD E . 20.32 2.26 -7.74
C2B NAD E . 18.56 3.64 -8.76
O2B NAD E . 19.25 3.30 -9.96
C1B NAD E . 17.32 2.76 -8.59
N9A NAD E . 16.17 3.17 -9.40
C8A NAD E . 15.34 4.25 -9.22
N7A NAD E . 14.42 4.38 -10.15
C5A NAD E . 14.67 3.30 -11.00
C6A NAD E . 14.06 2.88 -12.21
N6A NAD E . 13.10 3.57 -12.84
N1A NAD E . 14.53 1.75 -12.78
C2A NAD E . 15.57 1.12 -12.22
N3A NAD E . 16.24 1.44 -11.11
C4A NAD E . 15.74 2.55 -10.54
O3 NAD E . 19.70 4.10 -2.14
PN NAD E . 19.17 2.93 -1.20
O1N NAD E . 18.95 3.56 0.19
O2N NAD E . 20.17 1.81 -1.26
O5D NAD E . 17.71 2.47 -1.85
C5D NAD E . 17.47 1.04 -1.99
C4D NAD E . 16.09 0.72 -1.47
O4D NAD E . 16.15 0.53 -0.04
C3D NAD E . 15.02 1.82 -1.71
O3D NAD E . 13.81 1.25 -2.18
C2D NAD E . 14.85 2.45 -0.33
O2D NAD E . 13.62 3.06 -0.05
C1D NAD E . 15.11 1.25 0.59
N1N NAD E . 15.55 1.60 1.99
C2N NAD E . 16.55 2.49 2.21
C3N NAD E . 16.85 2.92 3.48
C7N NAD E . 17.94 3.91 3.70
O7N NAD E . 18.11 4.41 4.83
N7N NAD E . 18.66 4.27 2.64
C4N NAD E . 16.11 2.39 4.55
C5N NAD E . 15.11 1.46 4.31
C6N NAD E . 14.85 1.07 3.01
B1X BBN F . 13.62 4.54 0.13
O1X BBN F . 12.24 4.77 0.22
N2X BBN F . 14.36 5.09 -1.04
C9X BBN F . 13.94 4.89 -2.42
N3X BBN F . 14.65 5.40 -3.44
O2X BBN F . 12.92 4.20 -2.60
C4X BBN F . 14.23 5.00 1.54
C1X BBN F . 15.43 5.77 1.51
C2X BBN F . 16.00 6.08 0.23
N1X BBN F . 15.48 5.78 -0.92
C5X BBN F . 13.63 4.76 2.78
C6X BBN F . 14.18 5.26 3.96
C7X BBN F . 15.33 6.03 3.92
C8X BBN F . 15.97 6.26 2.71
#